data_5VCT
#
_entry.id   5VCT
#
_cell.length_a   63.900
_cell.length_b   111.210
_cell.length_c   124.750
_cell.angle_alpha   90.000
_cell.angle_beta   90.000
_cell.angle_gamma   90.000
#
_symmetry.space_group_name_H-M   'I 2 2 2'
#
loop_
_entity.id
_entity.type
_entity.pdbx_description
1 polymer 'UTP--glucose-1-phosphate uridylyltransferase'
2 non-polymer 'CITRIC ACID'
3 water water
#
_entity_poly.entity_id   1
_entity_poly.type   'polypeptide(L)'
_entity_poly.pdbx_seq_one_letter_code
;MAHHHHHHMLKVNKAVFPVAGLGTRFLPATKASPKEMLPVVDKPLIQYAVEEAIAAGITEMIFVTGRSKRAIEDHFDKSY
EVEAELEARGKAKLLELVRSIKPSHVDCFYVRQPEALGLGHAVLCAEKLVADNPFAVILADDLLDGNPPVMKQMVDVFDH
YHSSVIGVEEIPPSETKSYGIVDGKEWEESIVKMSAIVEKPAPEVAPSNLGVVGRYILKPRIFEHLRALKPGAGGELQLT
DAIQALLADEQVLAYKYQGTRYDCGSKLGYLKATVEFALRHPEVGTEFDAYLRTRGNAHPAA
;
_entity_poly.pdbx_strand_id   A
#
loop_
_chem_comp.id
_chem_comp.type
_chem_comp.name
_chem_comp.formula
CIT non-polymer 'CITRIC ACID' 'C6 H8 O7'
#
# COMPACT_ATOMS: atom_id res chain seq x y z
N LEU A 10 19.91 -0.51 -7.83
CA LEU A 10 19.25 -0.85 -9.08
C LEU A 10 17.90 -0.12 -9.19
N LYS A 11 16.99 -0.68 -9.97
CA LYS A 11 15.67 -0.10 -10.23
C LYS A 11 14.60 -0.84 -9.46
N VAL A 12 13.57 -0.12 -9.01
CA VAL A 12 12.43 -0.73 -8.33
C VAL A 12 11.49 -1.25 -9.41
N ASN A 13 11.52 -2.56 -9.63
CA ASN A 13 10.69 -3.19 -10.67
C ASN A 13 9.53 -3.98 -10.10
N LYS A 14 9.50 -4.21 -8.79
CA LYS A 14 8.58 -5.15 -8.17
C LYS A 14 7.87 -4.51 -7.00
N ALA A 15 6.61 -4.88 -6.80
CA ALA A 15 5.85 -4.44 -5.63
C ALA A 15 5.14 -5.63 -5.01
N VAL A 16 5.20 -5.73 -3.68
CA VAL A 16 4.56 -6.80 -2.92
C VAL A 16 3.30 -6.22 -2.27
N PHE A 17 2.14 -6.84 -2.53
CA PHE A 17 0.85 -6.45 -1.96
C PHE A 17 0.31 -7.52 -1.02
N PRO A 18 0.39 -7.34 0.31
CA PRO A 18 -0.28 -8.28 1.21
C PRO A 18 -1.79 -8.10 1.09
N VAL A 19 -2.49 -9.16 0.68
CA VAL A 19 -3.94 -9.08 0.48
C VAL A 19 -4.62 -10.26 1.15
N ALA A 20 -4.10 -10.63 2.32
CA ALA A 20 -4.58 -11.79 3.07
C ALA A 20 -5.31 -11.38 4.35
N GLY A 21 -5.79 -10.14 4.43
CA GLY A 21 -6.44 -9.66 5.64
C GLY A 21 -7.85 -10.23 5.81
N LEU A 22 -8.10 -10.78 7.01
CA LEU A 22 -9.42 -11.33 7.31
C LEU A 22 -10.51 -10.27 7.20
N GLY A 23 -10.20 -9.02 7.53
CA GLY A 23 -11.19 -7.96 7.43
C GLY A 23 -12.36 -8.14 8.36
N THR A 24 -12.11 -8.61 9.59
CA THR A 24 -13.21 -8.84 10.53
C THR A 24 -13.97 -7.55 10.82
N ARG A 25 -13.32 -6.40 10.64
CA ARG A 25 -14.00 -5.12 10.83
C ARG A 25 -15.10 -4.89 9.81
N PHE A 26 -15.04 -5.55 8.66
CA PHE A 26 -16.01 -5.35 7.59
C PHE A 26 -16.87 -6.58 7.32
N LEU A 27 -16.97 -7.51 8.27
CA LEU A 27 -17.96 -8.57 8.14
C LEU A 27 -19.36 -7.95 8.20
N PRO A 28 -20.33 -8.49 7.46
CA PRO A 28 -20.25 -9.71 6.64
C PRO A 28 -19.69 -9.56 5.21
N ALA A 29 -19.41 -8.34 4.74
CA ALA A 29 -18.96 -8.18 3.36
C ALA A 29 -17.67 -8.95 3.08
N THR A 30 -16.80 -9.09 4.06
CA THR A 30 -15.53 -9.79 3.86
C THR A 30 -15.61 -11.29 4.13
N LYS A 31 -16.83 -11.84 4.26
CA LYS A 31 -16.99 -13.29 4.43
C LYS A 31 -16.22 -14.06 3.37
N ALA A 32 -16.33 -13.67 2.10
CA ALA A 32 -15.70 -14.42 1.01
C ALA A 32 -14.93 -13.52 0.06
N SER A 33 -14.42 -12.41 0.56
CA SER A 33 -13.62 -11.51 -0.23
CA SER A 33 -13.60 -11.51 -0.22
C SER A 33 -12.68 -10.79 0.75
N PRO A 34 -11.40 -10.64 0.42
CA PRO A 34 -10.49 -9.93 1.34
C PRO A 34 -10.85 -8.46 1.44
N LYS A 35 -10.44 -7.86 2.55
CA LYS A 35 -10.77 -6.46 2.77
C LYS A 35 -10.17 -5.57 1.69
N GLU A 36 -9.05 -5.96 1.10
CA GLU A 36 -8.45 -5.15 0.04
C GLU A 36 -9.25 -5.18 -1.27
N MET A 37 -10.26 -6.04 -1.41
CA MET A 37 -11.12 -6.00 -2.61
C MET A 37 -12.34 -5.11 -2.45
N LEU A 38 -12.51 -4.51 -1.28
CA LEU A 38 -13.68 -3.64 -1.09
C LEU A 38 -13.63 -2.48 -2.07
N PRO A 39 -14.76 -2.11 -2.69
CA PRO A 39 -14.72 -1.01 -3.66
C PRO A 39 -14.89 0.35 -3.01
N VAL A 40 -14.17 1.31 -3.55
CA VAL A 40 -14.38 2.72 -3.24
C VAL A 40 -15.00 3.33 -4.49
N VAL A 41 -16.31 3.59 -4.41
CA VAL A 41 -17.19 4.03 -5.50
C VAL A 41 -17.39 2.89 -6.49
N ASP A 42 -16.35 2.55 -7.27
CA ASP A 42 -16.49 1.53 -8.29
C ASP A 42 -15.19 0.76 -8.54
N LYS A 43 -14.23 0.81 -7.62
CA LYS A 43 -12.93 0.25 -7.89
C LYS A 43 -12.33 -0.33 -6.62
N PRO A 44 -11.86 -1.57 -6.65
CA PRO A 44 -11.31 -2.19 -5.43
C PRO A 44 -10.09 -1.44 -4.92
N LEU A 45 -9.97 -1.35 -3.58
CA LEU A 45 -8.80 -0.74 -2.95
C LEU A 45 -7.49 -1.24 -3.57
N ILE A 46 -7.38 -2.56 -3.77
CA ILE A 46 -6.13 -3.11 -4.31
C ILE A 46 -5.84 -2.59 -5.71
N GLN A 47 -6.87 -2.24 -6.49
CA GLN A 47 -6.60 -1.70 -7.81
C GLN A 47 -6.04 -0.27 -7.74
N TYR A 48 -6.56 0.58 -6.83
CA TYR A 48 -5.92 1.89 -6.64
C TYR A 48 -4.44 1.71 -6.36
N ALA A 49 -4.12 0.73 -5.51
CA ALA A 49 -2.74 0.51 -5.09
C ALA A 49 -1.87 0.03 -6.25
N VAL A 50 -2.39 -0.90 -7.06
CA VAL A 50 -1.64 -1.37 -8.22
C VAL A 50 -1.43 -0.24 -9.22
N GLU A 51 -2.46 0.59 -9.43
CA GLU A 51 -2.30 1.72 -10.35
C GLU A 51 -1.23 2.68 -9.86
N GLU A 52 -1.12 2.86 -8.56
CA GLU A 52 -0.07 3.71 -8.02
C GLU A 52 1.31 3.11 -8.28
N ALA A 53 1.44 1.79 -8.11
CA ALA A 53 2.71 1.14 -8.42
C ALA A 53 3.06 1.30 -9.90
N ILE A 54 2.07 1.13 -10.78
CA ILE A 54 2.29 1.28 -12.22
C ILE A 54 2.80 2.68 -12.53
N ALA A 55 2.21 3.69 -11.90
CA ALA A 55 2.64 5.07 -12.12
C ALA A 55 4.07 5.29 -11.67
N ALA A 56 4.57 4.46 -10.74
CA ALA A 56 5.93 4.59 -10.24
C ALA A 56 6.94 3.83 -11.08
N GLY A 57 6.52 3.19 -12.17
CA GLY A 57 7.41 2.45 -13.02
C GLY A 57 7.51 0.96 -12.73
N ILE A 58 6.73 0.46 -11.78
CA ILE A 58 6.79 -0.93 -11.37
C ILE A 58 5.96 -1.76 -12.34
N THR A 59 6.49 -2.92 -12.77
CA THR A 59 5.80 -3.75 -13.75
C THR A 59 5.57 -5.18 -13.29
N GLU A 60 6.00 -5.55 -12.08
CA GLU A 60 5.79 -6.87 -11.52
CA GLU A 60 5.77 -6.88 -11.53
C GLU A 60 5.01 -6.75 -10.22
N MET A 61 3.76 -7.25 -10.21
CA MET A 61 2.90 -7.15 -9.04
C MET A 61 2.83 -8.51 -8.35
N ILE A 62 3.22 -8.56 -7.09
CA ILE A 62 3.30 -9.81 -6.33
C ILE A 62 2.22 -9.75 -5.27
N PHE A 63 1.19 -10.59 -5.41
CA PHE A 63 0.08 -10.61 -4.46
C PHE A 63 0.27 -11.75 -3.47
N VAL A 64 0.31 -11.45 -2.17
CA VAL A 64 0.45 -12.45 -1.13
C VAL A 64 -0.96 -12.71 -0.59
N THR A 65 -1.57 -13.81 -1.03
CA THR A 65 -2.96 -14.12 -0.76
C THR A 65 -3.15 -14.99 0.49
N GLY A 66 -4.39 -15.00 0.99
CA GLY A 66 -4.79 -15.82 2.11
C GLY A 66 -6.11 -16.48 1.78
N ARG A 67 -7.12 -16.35 2.63
CA ARG A 67 -8.43 -16.86 2.27
C ARG A 67 -9.03 -16.05 1.13
N SER A 68 -9.95 -16.68 0.39
CA SER A 68 -10.67 -16.02 -0.69
C SER A 68 -9.70 -15.48 -1.73
N LYS A 69 -8.67 -16.27 -2.06
CA LYS A 69 -7.71 -15.82 -3.08
C LYS A 69 -8.37 -15.57 -4.44
N ARG A 70 -9.52 -16.19 -4.70
CA ARG A 70 -10.07 -16.10 -6.05
CA ARG A 70 -10.13 -16.11 -6.03
C ARG A 70 -10.63 -14.71 -6.35
N ALA A 71 -11.07 -13.97 -5.34
CA ALA A 71 -11.55 -12.60 -5.59
C ALA A 71 -10.41 -11.72 -6.12
N ILE A 72 -9.21 -11.90 -5.57
CA ILE A 72 -8.06 -11.14 -6.05
C ILE A 72 -7.61 -11.65 -7.42
N GLU A 73 -7.48 -12.97 -7.54
CA GLU A 73 -6.99 -13.55 -8.79
C GLU A 73 -7.92 -13.24 -9.96
N ASP A 74 -9.21 -13.48 -9.78
CA ASP A 74 -10.15 -13.25 -10.86
C ASP A 74 -10.25 -11.78 -11.22
N HIS A 75 -9.92 -10.87 -10.29
CA HIS A 75 -9.96 -9.46 -10.63
C HIS A 75 -8.84 -9.08 -11.59
N PHE A 76 -7.63 -9.57 -11.33
CA PHE A 76 -6.48 -9.13 -12.13
C PHE A 76 -6.20 -10.05 -13.32
N ASP A 77 -6.55 -11.34 -13.25
CA ASP A 77 -6.36 -12.22 -14.40
C ASP A 77 -7.35 -11.89 -15.53
N LYS A 78 -6.93 -12.17 -16.76
CA LYS A 78 -7.80 -11.91 -17.91
C LYS A 78 -9.08 -12.71 -17.82
N SER A 79 -10.20 -12.09 -18.18
CA SER A 79 -11.46 -12.82 -18.37
C SER A 79 -11.79 -12.81 -19.86
N TYR A 80 -11.71 -13.99 -20.48
CA TYR A 80 -12.13 -14.13 -21.86
C TYR A 80 -13.58 -13.68 -22.03
N GLU A 81 -14.43 -14.07 -21.08
CA GLU A 81 -15.87 -13.88 -21.23
C GLU A 81 -16.26 -12.42 -21.14
N VAL A 82 -15.71 -11.71 -20.15
CA VAL A 82 -16.07 -10.31 -19.97
C VAL A 82 -15.68 -9.49 -21.19
N GLU A 83 -14.46 -9.69 -21.69
CA GLU A 83 -13.99 -8.91 -22.83
C GLU A 83 -14.78 -9.23 -24.10
N ALA A 84 -15.20 -10.49 -24.26
CA ALA A 84 -15.99 -10.85 -25.43
C ALA A 84 -17.38 -10.22 -25.37
N GLU A 85 -17.96 -10.16 -24.18
CA GLU A 85 -19.30 -9.58 -24.03
C GLU A 85 -19.27 -8.08 -24.34
N LEU A 86 -18.27 -7.37 -23.83
CA LEU A 86 -18.17 -5.94 -24.09
C LEU A 86 -17.86 -5.67 -25.57
N GLU A 87 -16.99 -6.47 -26.17
CA GLU A 87 -16.70 -6.32 -27.60
C GLU A 87 -17.94 -6.57 -28.44
N ALA A 88 -18.75 -7.57 -28.04
CA ALA A 88 -19.96 -7.88 -28.79
C ALA A 88 -20.96 -6.73 -28.72
N ARG A 89 -21.03 -6.04 -27.57
CA ARG A 89 -21.94 -4.92 -27.41
C ARG A 89 -21.34 -3.61 -27.92
N GLY A 90 -20.17 -3.63 -28.53
CA GLY A 90 -19.55 -2.42 -29.03
C GLY A 90 -19.16 -1.40 -27.98
N LYS A 91 -19.08 -1.82 -26.72
CA LYS A 91 -18.76 -0.90 -25.62
C LYS A 91 -17.25 -0.80 -25.51
N ALA A 92 -16.69 0.05 -26.36
CA ALA A 92 -15.24 0.11 -26.53
C ALA A 92 -14.56 0.78 -25.34
N LYS A 93 -15.18 1.82 -24.77
CA LYS A 93 -14.60 2.45 -23.59
C LYS A 93 -14.55 1.49 -22.40
N LEU A 94 -15.64 0.74 -22.19
CA LEU A 94 -15.65 -0.21 -21.06
C LEU A 94 -14.65 -1.33 -21.28
N LEU A 95 -14.47 -1.74 -22.53
CA LEU A 95 -13.50 -2.77 -22.85
C LEU A 95 -12.09 -2.32 -22.53
N GLU A 96 -11.75 -1.07 -22.87
CA GLU A 96 -10.43 -0.55 -22.51
C GLU A 96 -10.30 -0.42 -21.00
N LEU A 97 -11.39 -0.06 -20.32
CA LEU A 97 -11.39 0.03 -18.87
C LEU A 97 -11.04 -1.31 -18.23
N VAL A 98 -11.64 -2.39 -18.74
CA VAL A 98 -11.38 -3.71 -18.18
C VAL A 98 -9.95 -4.14 -18.47
N ARG A 99 -9.49 -3.92 -19.71
CA ARG A 99 -8.13 -4.33 -20.06
C ARG A 99 -7.10 -3.57 -19.23
N SER A 100 -7.37 -2.31 -18.90
CA SER A 100 -6.44 -1.51 -18.11
C SER A 100 -6.32 -1.98 -16.66
N ILE A 101 -7.12 -2.95 -16.22
CA ILE A 101 -6.91 -3.52 -14.88
C ILE A 101 -5.52 -4.15 -14.79
N LYS A 102 -5.07 -4.78 -15.88
CA LYS A 102 -3.74 -5.36 -15.96
C LYS A 102 -3.17 -5.02 -17.32
N PRO A 103 -2.49 -3.88 -17.44
CA PRO A 103 -2.03 -3.43 -18.76
C PRO A 103 -1.01 -4.39 -19.35
N SER A 104 -0.79 -4.27 -20.66
CA SER A 104 0.23 -5.10 -21.28
C SER A 104 1.59 -4.75 -20.67
N HIS A 105 2.42 -5.76 -20.49
CA HIS A 105 3.76 -5.66 -19.88
C HIS A 105 3.71 -5.39 -18.39
N VAL A 106 2.55 -5.50 -17.75
CA VAL A 106 2.45 -5.61 -16.31
C VAL A 106 2.14 -7.08 -15.99
N ASP A 107 3.02 -7.71 -15.21
CA ASP A 107 2.86 -9.11 -14.83
C ASP A 107 2.30 -9.23 -13.42
N CYS A 108 1.45 -10.23 -13.19
CA CYS A 108 0.87 -10.51 -11.88
C CYS A 108 1.28 -11.92 -11.46
N PHE A 109 1.88 -12.04 -10.27
CA PHE A 109 2.33 -13.31 -9.71
C PHE A 109 1.68 -13.52 -8.34
N TYR A 110 1.42 -14.78 -7.99
CA TYR A 110 0.67 -15.07 -6.78
C TYR A 110 1.49 -15.97 -5.86
N VAL A 111 1.54 -15.60 -4.58
CA VAL A 111 2.17 -16.43 -3.56
C VAL A 111 1.23 -16.48 -2.36
N ARG A 112 1.33 -17.56 -1.57
CA ARG A 112 0.39 -17.80 -0.47
C ARG A 112 1.01 -17.40 0.86
N GLN A 113 0.24 -16.67 1.67
CA GLN A 113 0.68 -16.37 3.03
C GLN A 113 0.73 -17.67 3.83
N PRO A 114 1.77 -17.87 4.66
CA PRO A 114 1.87 -19.15 5.36
C PRO A 114 0.98 -19.12 6.59
N GLU A 115 1.09 -20.16 7.43
CA GLU A 115 0.25 -20.24 8.62
C GLU A 115 0.46 -19.03 9.53
N ALA A 116 1.70 -18.57 9.66
CA ALA A 116 2.00 -17.44 10.54
C ALA A 116 1.62 -16.13 9.86
N LEU A 117 1.08 -15.21 10.65
CA LEU A 117 0.42 -14.01 10.13
C LEU A 117 1.29 -12.77 10.34
N GLY A 118 0.94 -11.72 9.61
CA GLY A 118 1.58 -10.45 9.86
C GLY A 118 2.39 -9.98 8.67
N LEU A 119 2.63 -8.66 8.66
CA LEU A 119 3.29 -8.03 7.53
C LEU A 119 4.69 -8.59 7.33
N GLY A 120 5.43 -8.81 8.42
CA GLY A 120 6.77 -9.37 8.31
C GLY A 120 6.76 -10.71 7.62
N HIS A 121 5.86 -11.60 8.04
CA HIS A 121 5.76 -12.89 7.38
C HIS A 121 5.29 -12.76 5.94
N ALA A 122 4.45 -11.75 5.64
CA ALA A 122 4.02 -11.56 4.26
C ALA A 122 5.20 -11.19 3.37
N VAL A 123 6.07 -10.29 3.84
CA VAL A 123 7.25 -9.93 3.05
C VAL A 123 8.18 -11.14 2.90
N LEU A 124 8.36 -11.90 3.98
CA LEU A 124 9.30 -13.02 3.92
C LEU A 124 8.85 -14.09 2.92
N CYS A 125 7.54 -14.33 2.79
CA CYS A 125 7.00 -15.29 1.82
CA CYS A 125 7.18 -15.37 1.84
C CYS A 125 7.33 -14.93 0.39
N ALA A 126 7.55 -13.64 0.13
CA ALA A 126 7.85 -13.18 -1.22
C ALA A 126 9.35 -13.14 -1.51
N GLU A 127 10.20 -13.60 -0.57
CA GLU A 127 11.63 -13.38 -0.70
C GLU A 127 12.20 -13.95 -2.00
N LYS A 128 11.78 -15.16 -2.37
CA LYS A 128 12.40 -15.78 -3.53
C LYS A 128 11.97 -15.11 -4.84
N LEU A 129 10.85 -14.38 -4.85
CA LEU A 129 10.43 -13.62 -6.03
C LEU A 129 11.12 -12.28 -6.13
N VAL A 130 11.50 -11.69 -5.01
CA VAL A 130 12.24 -10.43 -5.04
C VAL A 130 13.72 -10.69 -5.26
N ALA A 131 14.24 -11.77 -4.67
CA ALA A 131 15.65 -12.11 -4.75
C ALA A 131 16.49 -10.89 -4.34
N ASP A 132 17.53 -10.59 -5.10
CA ASP A 132 18.45 -9.52 -4.71
C ASP A 132 18.13 -8.26 -5.52
N ASN A 133 16.96 -7.69 -5.23
CA ASN A 133 16.51 -6.45 -5.85
C ASN A 133 15.78 -5.61 -4.81
N PRO A 134 15.83 -4.28 -4.93
CA PRO A 134 14.94 -3.46 -4.11
C PRO A 134 13.51 -3.65 -4.57
N PHE A 135 12.56 -3.45 -3.66
CA PHE A 135 11.18 -3.74 -3.98
C PHE A 135 10.26 -2.86 -3.15
N ALA A 136 9.10 -2.54 -3.71
CA ALA A 136 8.08 -1.81 -2.98
C ALA A 136 7.22 -2.76 -2.15
N VAL A 137 6.68 -2.25 -1.03
CA VAL A 137 5.65 -2.92 -0.25
C VAL A 137 4.51 -1.93 -0.08
N ILE A 138 3.30 -2.35 -0.46
CA ILE A 138 2.16 -1.44 -0.55
C ILE A 138 0.97 -2.10 0.15
N LEU A 139 0.44 -1.43 1.16
CA LEU A 139 -0.72 -1.94 1.89
C LEU A 139 -1.95 -1.20 1.36
N ALA A 140 -2.81 -1.93 0.67
CA ALA A 140 -3.91 -1.30 -0.06
C ALA A 140 -4.96 -0.66 0.84
N ASP A 141 -5.06 -1.07 2.12
CA ASP A 141 -5.97 -0.44 3.07
CA ASP A 141 -6.09 -0.37 2.88
C ASP A 141 -5.62 1.01 3.33
N ASP A 142 -4.35 1.38 3.13
CA ASP A 142 -3.92 2.77 3.18
C ASP A 142 -4.12 3.32 1.77
N LEU A 143 -5.29 3.91 1.55
CA LEU A 143 -5.62 4.49 0.25
C LEU A 143 -5.04 5.90 0.19
N LEU A 144 -4.10 6.12 -0.73
CA LEU A 144 -3.40 7.40 -0.79
C LEU A 144 -3.80 8.14 -2.05
N ASP A 145 -4.04 9.43 -1.90
CA ASP A 145 -4.40 10.31 -3.00
C ASP A 145 -3.29 11.34 -3.12
N GLY A 146 -2.53 11.28 -4.20
CA GLY A 146 -1.44 12.23 -4.41
C GLY A 146 -1.19 12.44 -5.88
N ASN A 147 -0.69 13.63 -6.21
CA ASN A 147 -0.14 13.92 -7.54
C ASN A 147 1.20 14.60 -7.31
N PRO A 148 2.32 13.98 -7.68
CA PRO A 148 2.41 12.62 -8.25
C PRO A 148 1.96 11.55 -7.26
N PRO A 149 1.63 10.36 -7.77
CA PRO A 149 1.28 9.26 -6.86
C PRO A 149 2.40 9.00 -5.86
N VAL A 150 2.01 8.60 -4.65
CA VAL A 150 2.97 8.56 -3.54
C VAL A 150 4.13 7.61 -3.83
N MET A 151 3.84 6.40 -4.34
CA MET A 151 4.97 5.51 -4.64
C MET A 151 5.87 6.08 -5.73
N LYS A 152 5.32 6.89 -6.64
CA LYS A 152 6.19 7.54 -7.62
CA LYS A 152 6.18 7.57 -7.62
C LYS A 152 7.12 8.54 -6.93
N GLN A 153 6.59 9.34 -5.98
CA GLN A 153 7.48 10.21 -5.20
C GLN A 153 8.58 9.39 -4.52
N MET A 154 8.21 8.23 -3.97
CA MET A 154 9.18 7.44 -3.22
C MET A 154 10.23 6.81 -4.13
N VAL A 155 9.83 6.33 -5.31
CA VAL A 155 10.81 5.81 -6.27
C VAL A 155 11.79 6.90 -6.69
N ASP A 156 11.33 8.15 -6.84
CA ASP A 156 12.27 9.21 -7.19
C ASP A 156 13.28 9.43 -6.06
N VAL A 157 12.83 9.37 -4.81
CA VAL A 157 13.74 9.49 -3.67
C VAL A 157 14.72 8.32 -3.65
N PHE A 158 14.23 7.10 -3.87
CA PHE A 158 15.12 5.93 -3.89
C PHE A 158 16.14 6.04 -5.03
N ASP A 159 15.69 6.45 -6.21
CA ASP A 159 16.61 6.57 -7.34
C ASP A 159 17.72 7.57 -7.04
N HIS A 160 17.49 8.52 -6.15
CA HIS A 160 18.51 9.50 -5.79
C HIS A 160 19.48 8.99 -4.73
N TYR A 161 18.95 8.49 -3.60
CA TYR A 161 19.78 8.12 -2.45
C TYR A 161 20.16 6.65 -2.42
N HIS A 162 19.43 5.78 -3.13
CA HIS A 162 19.70 4.33 -3.12
C HIS A 162 19.69 3.77 -1.70
N SER A 163 18.71 4.19 -0.92
CA SER A 163 18.49 3.71 0.43
C SER A 163 17.03 3.32 0.56
N SER A 164 16.73 2.40 1.48
CA SER A 164 15.35 2.06 1.78
C SER A 164 14.58 3.32 2.19
N VAL A 165 13.30 3.38 1.78
CA VAL A 165 12.45 4.55 1.98
C VAL A 165 11.19 4.12 2.72
N ILE A 166 10.89 4.78 3.83
CA ILE A 166 9.70 4.49 4.64
C ILE A 166 8.78 5.70 4.54
N GLY A 167 7.55 5.49 4.05
CA GLY A 167 6.62 6.60 3.94
C GLY A 167 6.05 6.96 5.31
N VAL A 168 6.01 8.26 5.62
CA VAL A 168 5.53 8.72 6.92
C VAL A 168 4.64 9.94 6.74
N GLU A 169 3.86 10.23 7.78
CA GLU A 169 3.08 11.45 7.82
C GLU A 169 3.03 11.98 9.24
N GLU A 170 2.85 13.30 9.36
CA GLU A 170 2.66 13.90 10.68
CA GLU A 170 2.66 13.90 10.68
C GLU A 170 1.33 13.46 11.26
N ILE A 171 1.35 12.97 12.49
CA ILE A 171 0.14 12.44 13.13
C ILE A 171 -0.07 13.24 14.42
N PRO A 172 -1.26 13.18 15.01
CA PRO A 172 -1.46 13.88 16.29
C PRO A 172 -0.64 13.24 17.39
N PRO A 173 0.04 14.03 18.22
CA PRO A 173 0.92 13.44 19.24
C PRO A 173 0.19 12.52 20.21
N SER A 174 -1.10 12.73 20.43
CA SER A 174 -1.85 11.89 21.35
C SER A 174 -2.15 10.50 20.77
N GLU A 175 -1.86 10.25 19.50
CA GLU A 175 -2.25 9.01 18.84
CA GLU A 175 -2.25 9.03 18.82
C GLU A 175 -1.06 8.11 18.53
N THR A 176 0.10 8.35 19.14
CA THR A 176 1.30 7.58 18.77
C THR A 176 1.18 6.10 19.09
N LYS A 177 0.31 5.71 20.03
CA LYS A 177 0.13 4.29 20.31
C LYS A 177 -0.50 3.53 19.14
N SER A 178 -0.97 4.23 18.11
CA SER A 178 -1.53 3.57 16.94
C SER A 178 -0.53 3.42 15.78
N TYR A 179 0.70 3.91 15.93
CA TYR A 179 1.63 4.00 14.80
C TYR A 179 3.03 3.49 15.15
N GLY A 180 3.74 3.00 14.13
CA GLY A 180 5.18 3.01 14.20
C GLY A 180 5.69 4.44 14.05
N ILE A 181 6.65 4.82 14.90
CA ILE A 181 7.12 6.20 14.97
C ILE A 181 8.61 6.21 14.67
N VAL A 182 9.04 7.10 13.76
CA VAL A 182 10.45 7.18 13.38
C VAL A 182 11.14 8.31 14.13
N ASP A 183 12.47 8.27 14.16
CA ASP A 183 13.30 9.33 14.71
C ASP A 183 14.52 9.49 13.81
N GLY A 184 15.08 10.69 13.76
CA GLY A 184 16.27 10.90 12.96
C GLY A 184 16.55 12.37 12.75
N LYS A 185 17.50 12.62 11.86
CA LYS A 185 17.91 13.97 11.50
C LYS A 185 17.24 14.38 10.21
N GLU A 186 16.54 15.51 10.23
CA GLU A 186 15.93 16.04 9.02
C GLU A 186 17.03 16.45 8.05
N TRP A 187 17.01 15.87 6.86
CA TRP A 187 18.05 16.10 5.84
C TRP A 187 17.65 17.29 4.99
N GLU A 188 16.67 17.10 4.11
N GLU A 188 16.62 17.11 4.16
CA GLU A 188 16.16 18.17 3.27
CA GLU A 188 15.85 18.15 3.52
C GLU A 188 14.68 18.34 3.56
C GLU A 188 14.50 18.25 4.23
N GLU A 189 14.02 19.16 2.74
N GLU A 189 13.60 19.09 3.70
CA GLU A 189 12.57 19.24 2.82
CA GLU A 189 12.34 19.36 4.39
C GLU A 189 11.98 17.87 2.53
C GLU A 189 11.51 18.08 4.59
N SER A 190 11.49 17.21 3.58
CA SER A 190 10.66 16.00 3.57
CA SER A 190 10.65 16.01 3.58
C SER A 190 11.45 14.72 3.76
N ILE A 191 12.76 14.79 4.00
CA ILE A 191 13.57 13.60 4.16
C ILE A 191 14.17 13.55 5.56
N VAL A 192 14.03 12.41 6.23
CA VAL A 192 14.64 12.17 7.53
C VAL A 192 15.59 11.00 7.42
N LYS A 193 16.85 11.21 7.80
CA LYS A 193 17.82 10.12 7.93
C LYS A 193 17.53 9.42 9.24
N MET A 194 17.02 8.20 9.19
CA MET A 194 16.47 7.58 10.39
C MET A 194 17.56 7.08 11.33
N SER A 195 17.35 7.33 12.62
CA SER A 195 18.18 6.75 13.67
C SER A 195 17.44 5.71 14.49
N ALA A 196 16.11 5.62 14.36
CA ALA A 196 15.34 4.67 15.15
C ALA A 196 13.94 4.57 14.57
N ILE A 197 13.28 3.45 14.84
CA ILE A 197 11.86 3.30 14.60
C ILE A 197 11.28 2.54 15.79
N VAL A 198 10.20 3.04 16.37
CA VAL A 198 9.66 2.48 17.60
CA VAL A 198 9.66 2.49 17.62
C VAL A 198 8.19 2.15 17.39
N GLU A 199 7.79 0.94 17.76
CA GLU A 199 6.44 0.47 17.52
C GLU A 199 5.52 0.97 18.63
N LYS A 200 4.57 1.83 18.27
CA LYS A 200 3.45 2.21 19.13
C LYS A 200 3.86 2.72 20.52
N PRO A 201 4.70 3.76 20.58
CA PRO A 201 5.08 4.32 21.89
C PRO A 201 3.96 5.11 22.53
N ALA A 202 3.96 5.15 23.87
CA ALA A 202 3.04 6.05 24.55
C ALA A 202 3.36 7.49 24.15
N PRO A 203 2.35 8.37 24.10
CA PRO A 203 2.62 9.74 23.64
C PRO A 203 3.77 10.43 24.36
N GLU A 204 3.88 10.24 25.68
CA GLU A 204 4.89 10.99 26.42
C GLU A 204 6.31 10.56 26.09
N VAL A 205 6.52 9.41 25.45
CA VAL A 205 7.87 8.98 25.11
C VAL A 205 8.06 8.78 23.60
N ALA A 206 7.13 9.26 22.77
CA ALA A 206 7.30 9.18 21.33
C ALA A 206 8.43 10.11 20.88
N PRO A 207 9.37 9.64 20.07
CA PRO A 207 10.50 10.49 19.68
C PRO A 207 10.18 11.50 18.57
N SER A 208 9.04 11.38 17.90
CA SER A 208 8.63 12.37 16.91
C SER A 208 7.12 12.28 16.76
N ASN A 209 6.57 13.10 15.87
CA ASN A 209 5.18 12.96 15.43
C ASN A 209 5.06 12.34 14.03
N LEU A 210 6.06 11.59 13.60
CA LEU A 210 6.09 11.04 12.24
C LEU A 210 5.71 9.56 12.29
N GLY A 211 4.51 9.24 11.81
CA GLY A 211 3.99 7.87 11.83
C GLY A 211 4.14 7.19 10.48
N VAL A 212 4.46 5.90 10.54
CA VAL A 212 4.68 5.09 9.34
C VAL A 212 3.34 4.75 8.70
N VAL A 213 3.26 4.91 7.38
CA VAL A 213 2.07 4.50 6.62
C VAL A 213 2.46 3.29 5.75
N GLY A 214 1.46 2.70 5.11
CA GLY A 214 1.64 1.45 4.39
C GLY A 214 2.30 1.59 3.03
N ARG A 215 3.47 2.22 2.98
CA ARG A 215 4.27 2.38 1.76
C ARG A 215 5.74 2.23 2.12
N TYR A 216 6.43 1.28 1.49
CA TYR A 216 7.84 1.05 1.74
C TYR A 216 8.56 0.80 0.42
N ILE A 217 9.83 1.20 0.37
CA ILE A 217 10.79 0.64 -0.59
C ILE A 217 11.92 0.06 0.24
N LEU A 218 12.13 -1.26 0.14
CA LEU A 218 13.06 -1.98 1.00
C LEU A 218 14.18 -2.55 0.15
N LYS A 219 15.42 -2.40 0.61
CA LYS A 219 16.51 -3.08 -0.05
C LYS A 219 16.59 -4.53 0.45
N PRO A 220 17.19 -5.44 -0.34
CA PRO A 220 17.05 -6.87 -0.04
C PRO A 220 17.77 -7.32 1.24
N ARG A 221 18.68 -6.51 1.80
CA ARG A 221 19.25 -6.84 3.10
C ARG A 221 18.19 -6.96 4.19
N ILE A 222 16.97 -6.45 3.97
CA ILE A 222 15.91 -6.59 4.96
C ILE A 222 15.63 -8.06 5.27
N PHE A 223 15.87 -8.96 4.31
CA PHE A 223 15.45 -10.35 4.47
C PHE A 223 16.27 -11.06 5.53
N GLU A 224 17.58 -10.80 5.56
CA GLU A 224 18.43 -11.40 6.58
C GLU A 224 17.97 -10.99 7.98
N HIS A 225 17.52 -9.74 8.14
CA HIS A 225 17.03 -9.31 9.44
C HIS A 225 15.66 -9.91 9.76
N LEU A 226 14.80 -10.06 8.76
CA LEU A 226 13.52 -10.73 8.98
C LEU A 226 13.72 -12.19 9.42
N ARG A 227 14.59 -12.94 8.71
CA ARG A 227 14.81 -14.32 9.08
C ARG A 227 15.43 -14.46 10.47
N ALA A 228 16.16 -13.44 10.93
CA ALA A 228 16.85 -13.57 12.20
C ALA A 228 15.93 -13.31 13.39
N LEU A 229 14.87 -12.54 13.18
CA LEU A 229 13.99 -12.15 14.28
C LEU A 229 13.20 -13.35 14.80
N LYS A 230 13.11 -13.44 16.14
CA LYS A 230 12.30 -14.46 16.78
C LYS A 230 10.82 -14.09 16.70
N PRO A 231 9.92 -15.07 16.51
CA PRO A 231 8.48 -14.83 16.45
C PRO A 231 7.87 -14.49 17.81
N GLU A 236 3.75 -14.13 15.32
CA GLU A 236 3.76 -12.89 14.53
C GLU A 236 5.16 -12.31 14.45
N LEU A 237 5.50 -11.77 13.29
CA LEU A 237 6.82 -11.22 13.02
C LEU A 237 6.69 -9.74 12.73
N GLN A 238 7.58 -8.92 13.32
CA GLN A 238 7.46 -7.46 13.28
C GLN A 238 8.39 -6.87 12.22
N LEU A 239 7.81 -6.26 11.17
CA LEU A 239 8.64 -5.54 10.21
C LEU A 239 9.40 -4.39 10.87
N THR A 240 8.84 -3.79 11.92
CA THR A 240 9.50 -2.68 12.62
C THR A 240 10.85 -3.12 13.20
N ASP A 241 10.88 -4.28 13.85
CA ASP A 241 12.14 -4.76 14.40
C ASP A 241 13.20 -4.99 13.30
N ALA A 242 12.78 -5.50 12.15
CA ALA A 242 13.74 -5.73 11.07
C ALA A 242 14.27 -4.41 10.53
N ILE A 243 13.42 -3.39 10.41
CA ILE A 243 13.87 -2.09 9.92
C ILE A 243 14.85 -1.47 10.91
N GLN A 244 14.53 -1.55 12.20
CA GLN A 244 15.43 -1.05 13.23
C GLN A 244 16.79 -1.75 13.15
N ALA A 245 16.81 -3.05 12.89
CA ALA A 245 18.08 -3.75 12.79
C ALA A 245 18.82 -3.34 11.52
N LEU A 246 18.07 -3.10 10.43
CA LEU A 246 18.71 -2.74 9.17
C LEU A 246 19.44 -1.41 9.27
N LEU A 247 18.88 -0.44 10.00
CA LEU A 247 19.50 0.87 9.99
C LEU A 247 20.80 0.91 10.79
N ALA A 248 21.14 -0.16 11.49
CA ALA A 248 22.47 -0.28 12.08
C ALA A 248 23.54 -0.59 11.05
N ASP A 249 23.17 -1.21 9.93
CA ASP A 249 24.12 -1.55 8.89
C ASP A 249 24.16 -0.55 7.75
N GLU A 250 23.04 0.09 7.44
CA GLU A 250 23.01 1.01 6.30
C GLU A 250 21.93 2.06 6.51
N GLN A 251 21.98 3.09 5.69
CA GLN A 251 21.06 4.20 5.78
C GLN A 251 19.65 3.77 5.42
N VAL A 252 18.68 4.27 6.20
CA VAL A 252 17.25 4.15 5.92
C VAL A 252 16.63 5.53 6.05
N LEU A 253 15.80 5.92 5.09
CA LEU A 253 15.18 7.24 5.03
C LEU A 253 13.68 7.16 5.32
N ALA A 254 13.17 8.14 6.06
CA ALA A 254 11.74 8.36 6.15
C ALA A 254 11.38 9.50 5.20
N TYR A 255 10.31 9.33 4.42
CA TYR A 255 9.91 10.32 3.44
C TYR A 255 8.52 10.85 3.80
N LYS A 256 8.40 12.15 4.05
CA LYS A 256 7.12 12.79 4.34
C LYS A 256 6.42 13.09 3.02
N TYR A 257 5.59 12.15 2.56
CA TYR A 257 4.99 12.26 1.24
C TYR A 257 4.00 13.42 1.16
N GLN A 258 3.75 13.86 -0.06
CA GLN A 258 2.75 14.88 -0.35
C GLN A 258 1.48 14.16 -0.79
N GLY A 259 0.39 14.34 -0.06
CA GLY A 259 -0.85 13.68 -0.43
C GLY A 259 -1.76 13.51 0.77
N THR A 260 -2.87 12.82 0.51
CA THR A 260 -3.90 12.60 1.53
C THR A 260 -4.13 11.12 1.71
N ARG A 261 -4.17 10.67 2.95
CA ARG A 261 -4.38 9.26 3.28
C ARG A 261 -5.79 9.03 3.78
N TYR A 262 -6.41 7.96 3.30
CA TYR A 262 -7.67 7.47 3.87
C TYR A 262 -7.39 6.11 4.49
N ASP A 263 -7.61 6.01 5.80
CA ASP A 263 -7.36 4.76 6.53
C ASP A 263 -8.55 3.84 6.32
N CYS A 264 -8.52 3.04 5.26
CA CYS A 264 -9.65 2.16 4.98
C CYS A 264 -9.57 0.85 5.73
N GLY A 265 -8.60 0.71 6.64
CA GLY A 265 -8.68 -0.38 7.60
C GLY A 265 -9.75 -0.15 8.64
N SER A 266 -10.25 1.08 8.75
CA SER A 266 -11.36 1.43 9.63
C SER A 266 -12.60 1.69 8.79
N LYS A 267 -13.75 1.33 9.34
CA LYS A 267 -15.02 1.57 8.65
C LYS A 267 -15.24 3.05 8.37
N LEU A 268 -14.86 3.93 9.30
CA LEU A 268 -15.06 5.37 9.08
C LEU A 268 -14.13 5.88 7.98
N GLY A 269 -12.89 5.43 7.95
CA GLY A 269 -11.98 5.86 6.90
C GLY A 269 -12.45 5.41 5.52
N TYR A 270 -13.00 4.19 5.44
CA TYR A 270 -13.56 3.69 4.19
C TYR A 270 -14.72 4.56 3.73
N LEU A 271 -15.56 4.99 4.66
CA LEU A 271 -16.69 5.84 4.31
C LEU A 271 -16.23 7.22 3.88
N LYS A 272 -15.22 7.79 4.55
CA LYS A 272 -14.66 9.07 4.12
C LYS A 272 -14.09 8.96 2.71
N ALA A 273 -13.39 7.87 2.41
CA ALA A 273 -12.85 7.70 1.07
C ALA A 273 -13.96 7.65 0.03
N THR A 274 -15.04 6.92 0.34
CA THR A 274 -16.16 6.85 -0.60
C THR A 274 -16.70 8.24 -0.89
N VAL A 275 -16.90 9.04 0.15
CA VAL A 275 -17.49 10.37 -0.03
C VAL A 275 -16.57 11.24 -0.87
N GLU A 276 -15.28 11.30 -0.50
CA GLU A 276 -14.38 12.24 -1.14
C GLU A 276 -14.06 11.81 -2.57
N PHE A 277 -13.89 10.51 -2.82
CA PHE A 277 -13.62 10.07 -4.20
C PHE A 277 -14.84 10.23 -5.08
N ALA A 278 -16.04 9.98 -4.52
CA ALA A 278 -17.25 10.14 -5.31
C ALA A 278 -17.43 11.59 -5.75
N LEU A 279 -17.06 12.54 -4.89
CA LEU A 279 -17.24 13.95 -5.22
C LEU A 279 -16.37 14.37 -6.38
N ARG A 280 -15.22 13.72 -6.57
CA ARG A 280 -14.33 14.01 -7.67
C ARG A 280 -14.57 13.09 -8.85
N HIS A 281 -15.61 12.27 -8.79
CA HIS A 281 -15.91 11.32 -9.85
C HIS A 281 -16.59 12.03 -11.02
N PRO A 282 -16.08 11.92 -12.25
CA PRO A 282 -16.65 12.70 -13.35
C PRO A 282 -18.10 12.38 -13.66
N GLU A 283 -18.55 11.15 -13.41
CA GLU A 283 -19.91 10.76 -13.78
C GLU A 283 -20.95 11.05 -12.71
N VAL A 284 -20.55 11.24 -11.46
CA VAL A 284 -21.54 11.31 -10.38
C VAL A 284 -21.23 12.44 -9.42
N GLY A 285 -20.05 13.04 -9.55
CA GLY A 285 -19.61 14.04 -8.58
C GLY A 285 -20.58 15.19 -8.42
N THR A 286 -21.04 15.75 -9.55
CA THR A 286 -21.91 16.92 -9.48
C THR A 286 -23.22 16.61 -8.77
N GLU A 287 -23.83 15.47 -9.10
CA GLU A 287 -25.11 15.12 -8.49
CA GLU A 287 -25.11 15.10 -8.49
C GLU A 287 -24.94 14.68 -7.04
N PHE A 288 -23.84 13.99 -6.73
CA PHE A 288 -23.60 13.56 -5.36
C PHE A 288 -23.36 14.77 -4.45
N ASP A 289 -22.65 15.77 -4.97
CA ASP A 289 -22.43 16.99 -4.19
C ASP A 289 -23.75 17.72 -3.94
N ALA A 290 -24.62 17.79 -4.95
CA ALA A 290 -25.89 18.48 -4.74
C ALA A 290 -26.77 17.70 -3.77
N TYR A 291 -26.69 16.37 -3.80
CA TYR A 291 -27.44 15.56 -2.83
C TYR A 291 -26.94 15.80 -1.41
N LEU A 292 -25.62 15.84 -1.22
CA LEU A 292 -25.08 16.07 0.13
C LEU A 292 -25.49 17.43 0.68
N ARG A 293 -25.59 18.45 -0.19
CA ARG A 293 -25.93 19.78 0.30
C ARG A 293 -27.37 19.86 0.81
N THR A 294 -28.26 19.03 0.28
CA THR A 294 -29.69 19.17 0.54
C THR A 294 -30.28 18.01 1.33
N ARG A 295 -29.48 17.07 1.80
CA ARG A 295 -30.01 15.98 2.60
C ARG A 295 -30.22 16.45 4.04
C1 CIT B . -7.75 -6.19 13.33
O1 CIT B . -7.33 -5.06 13.65
O2 CIT B . -8.98 -6.42 13.49
C2 CIT B . -6.82 -7.23 12.79
C3 CIT B . -7.19 -7.61 11.36
O7 CIT B . -7.32 -6.38 10.58
C4 CIT B . -6.14 -8.48 10.69
C5 CIT B . -6.58 -8.68 9.28
O3 CIT B . -7.02 -7.72 8.60
O4 CIT B . -6.55 -9.82 8.77
C6 CIT B . -8.51 -8.36 11.34
O5 CIT B . -9.59 -7.76 11.09
O6 CIT B . -8.54 -9.58 11.61
#